data_7P2V
#
_entry.id   7P2V
#
_cell.length_a   71.140
_cell.length_b   71.140
_cell.length_c   186.911
_cell.angle_alpha   90.000
_cell.angle_beta   90.000
_cell.angle_gamma   90.000
#
_symmetry.space_group_name_H-M   'P 41 21 2'
#
loop_
_entity.id
_entity.type
_entity.pdbx_description
1 polymer 'Histone deacetylase 8'
2 non-polymer 'ZINC ION'
3 non-polymer 'POTASSIUM ION'
4 non-polymer 'L(+)-TARTARIC ACID'
5 non-polymer "5-[[(2S)-2-(4-chlorophenyl)-1'-methyl-spiro[2H-indole-3,4'-piperidine]-1-yl]methyl]-N-oxidanyl-thiophene-2-carboxamide"
6 non-polymer DI(HYDROXYETHYL)ETHER
7 water water
#
_entity_poly.entity_id   1
_entity_poly.type   'polypeptide(L)'
_entity_poly.pdbx_seq_one_letter_code
;MSVGIVYGDQYRQLCCSSPKFGDRYALVMDLINAYKLIPELSRVPPLQWDSPSRMYEAVTAFHSTEYVDALKKLQMLHCE
EKELTADDELLMDSFSLNYDCPGFPSVFDYSLAAVQGSLAAASALICRHCEVVINWGGGWHHAKRSEASGFCYLNDIVLA
IHRLVSSTPPETSPNRQTRVLYVDLDLHHGDGVEEAFWYSPRVVTFSVHHASPGFFPGTGTWNMVDNDKLPIFLNGAGRG
RFSAFNLPLEEGINDLDWSNAIGPILDSLNIVIQPSYVVVQCGADCLATDPHRIFRLTNFYPNLNLDSDCDSECSLSGYL
YAIKKILSWKVPTLILGGGGYNFPDTARLWTRVTALTIEEVKGKKMTISPEIPEHSYFSRYGPDFELDIDYFPHKSHNKT
LDSIQKHHRRILEQLRNYADLNKLIYDYDQVYQLYNLTGM
;
_entity_poly.pdbx_strand_id   A
#
loop_
_chem_comp.id
_chem_comp.type
_chem_comp.name
_chem_comp.formula
4XI non-polymer 5-[[(2S)-2-(4-chlorophenyl)-1'-methyl-spiro[2H-indole-3,4'-piperidine]-1-yl]methyl]-N-oxidanyl-thiophene-2-carboxamide 'C25 H26 Cl N3 O2 S'
K non-polymer 'POTASSIUM ION' 'K 1'
PEG non-polymer DI(HYDROXYETHYL)ETHER 'C4 H10 O3'
TLA non-polymer 'L(+)-TARTARIC ACID' 'C4 H6 O6'
ZN non-polymer 'ZINC ION' 'Zn 2'
#
# COMPACT_ATOMS: atom_id res chain seq x y z
N SER A 2 6.42 -18.63 8.79
CA SER A 2 5.86 -17.73 9.80
C SER A 2 5.35 -16.44 9.18
N VAL A 3 4.09 -16.10 9.49
CA VAL A 3 3.44 -14.92 8.94
C VAL A 3 3.04 -14.01 10.10
N GLY A 4 3.35 -12.73 9.99
CA GLY A 4 3.03 -11.76 11.02
C GLY A 4 1.98 -10.76 10.52
N ILE A 5 1.21 -10.22 11.46
CA ILE A 5 0.18 -9.24 11.17
C ILE A 5 0.21 -8.16 12.24
N VAL A 6 0.05 -6.91 11.84
CA VAL A 6 0.13 -5.77 12.76
C VAL A 6 -1.25 -5.50 13.33
N TYR A 7 -1.39 -5.59 14.65
CA TYR A 7 -2.62 -5.13 15.31
C TYR A 7 -2.37 -4.93 16.79
N GLY A 8 -3.32 -4.24 17.43
CA GLY A 8 -3.27 -4.00 18.87
C GLY A 8 -4.40 -3.09 19.28
N ASP A 9 -4.57 -2.97 20.59
CA ASP A 9 -5.63 -2.13 21.15
C ASP A 9 -5.49 -0.69 20.68
N GLN A 10 -4.39 -0.04 21.08
CA GLN A 10 -4.13 1.35 20.67
C GLN A 10 -4.18 1.48 19.15
N TYR A 11 -3.45 0.60 18.45
CA TYR A 11 -3.42 0.64 16.99
C TYR A 11 -4.82 0.63 16.41
N ARG A 12 -5.73 -0.14 16.99
CA ARG A 12 -7.08 -0.27 16.44
C ARG A 12 -7.82 1.06 16.51
N GLN A 13 -7.92 1.65 17.71
CA GLN A 13 -8.68 2.89 17.83
C GLN A 13 -8.04 3.99 16.98
N LEU A 14 -6.72 4.10 16.99
CA LEU A 14 -6.04 5.10 16.17
C LEU A 14 -6.37 4.90 14.69
N CYS A 15 -6.26 3.66 14.20
CA CYS A 15 -6.54 3.38 12.79
C CYS A 15 -8.00 3.60 12.43
N CYS A 16 -8.90 3.63 13.42
CA CYS A 16 -10.32 3.84 13.21
C CYS A 16 -10.76 5.25 13.59
N SER A 17 -9.83 6.19 13.72
CA SER A 17 -10.13 7.53 14.19
C SER A 17 -10.11 8.56 13.08
N SER A 18 -10.01 8.12 11.82
CA SER A 18 -9.99 9.09 10.73
C SER A 18 -11.39 9.24 10.15
N PRO A 19 -11.73 10.43 9.67
CA PRO A 19 -13.08 10.64 9.11
C PRO A 19 -13.27 9.99 7.75
N LYS A 20 -12.21 9.73 7.00
CA LYS A 20 -12.37 9.20 5.65
C LYS A 20 -12.51 7.68 5.64
N PHE A 21 -11.75 6.97 6.47
CA PHE A 21 -11.78 5.51 6.49
C PHE A 21 -12.53 4.95 7.68
N GLY A 22 -12.96 5.79 8.62
CA GLY A 22 -13.76 5.36 9.75
C GLY A 22 -13.31 4.08 10.42
N ASP A 23 -14.19 3.08 10.45
CA ASP A 23 -13.95 1.82 11.14
C ASP A 23 -13.47 0.71 10.20
N ARG A 24 -12.95 1.09 9.02
CA ARG A 24 -12.55 0.08 8.04
C ARG A 24 -11.56 -0.91 8.62
N TYR A 25 -10.55 -0.42 9.34
CA TYR A 25 -9.54 -1.31 9.91
C TYR A 25 -10.19 -2.35 10.83
N ALA A 26 -11.22 -1.95 11.57
CA ALA A 26 -11.88 -2.87 12.49
C ALA A 26 -12.57 -4.01 11.72
N LEU A 27 -13.25 -3.68 10.62
CA LEU A 27 -13.89 -4.72 9.82
C LEU A 27 -12.87 -5.71 9.29
N VAL A 28 -11.75 -5.21 8.77
CA VAL A 28 -10.71 -6.08 8.22
C VAL A 28 -10.23 -7.06 9.29
N MET A 29 -9.74 -6.52 10.41
CA MET A 29 -9.22 -7.37 11.48
C MET A 29 -10.29 -8.32 12.00
N ASP A 30 -11.54 -7.87 12.09
CA ASP A 30 -12.57 -8.69 12.71
C ASP A 30 -13.06 -9.79 11.76
N LEU A 31 -13.10 -9.51 10.45
CA LEU A 31 -13.43 -10.56 9.49
C LEU A 31 -12.35 -11.63 9.47
N ILE A 32 -11.09 -11.21 9.42
CA ILE A 32 -9.98 -12.14 9.56
C ILE A 32 -10.13 -12.96 10.84
N ASN A 33 -10.55 -12.30 11.92
CA ASN A 33 -10.72 -13.01 13.18
C ASN A 33 -11.88 -14.00 13.11
N ALA A 34 -12.99 -13.57 12.51
CA ALA A 34 -14.15 -14.45 12.41
C ALA A 34 -13.81 -15.72 11.66
N TYR A 35 -12.86 -15.67 10.73
CA TYR A 35 -12.48 -16.83 9.94
C TYR A 35 -11.38 -17.66 10.60
N LYS A 36 -11.10 -17.42 11.89
CA LYS A 36 -10.17 -18.24 12.66
C LYS A 36 -8.78 -18.29 12.00
N LEU A 37 -8.30 -17.12 11.58
CA LEU A 37 -6.96 -17.02 11.02
C LEU A 37 -5.93 -16.51 12.01
N ILE A 38 -6.34 -15.74 13.01
CA ILE A 38 -5.43 -15.15 13.99
C ILE A 38 -4.55 -16.23 14.61
N PRO A 39 -5.11 -17.38 14.99
CA PRO A 39 -4.24 -18.44 15.55
C PRO A 39 -3.09 -18.85 14.65
N GLU A 40 -3.15 -18.53 13.36
CA GLU A 40 -2.10 -18.87 12.41
C GLU A 40 -1.12 -17.73 12.17
N LEU A 41 -1.31 -16.59 12.83
CA LEU A 41 -0.54 -15.38 12.56
C LEU A 41 0.17 -14.89 13.82
N SER A 42 1.38 -14.38 13.63
CA SER A 42 2.14 -13.75 14.70
C SER A 42 1.81 -12.26 14.76
N ARG A 43 1.37 -11.79 15.91
CA ARG A 43 1.05 -10.38 16.06
C ARG A 43 2.33 -9.55 16.13
N VAL A 44 2.38 -8.50 15.33
CA VAL A 44 3.52 -7.59 15.29
C VAL A 44 3.08 -6.27 15.92
N PRO A 45 3.49 -5.98 17.15
CA PRO A 45 3.00 -4.77 17.84
C PRO A 45 3.59 -3.53 17.21
N PRO A 46 2.81 -2.45 17.10
CA PRO A 46 3.35 -1.21 16.52
C PRO A 46 4.63 -0.79 17.22
N LEU A 47 5.53 -0.20 16.45
CA LEU A 47 6.79 0.27 17.00
C LEU A 47 6.57 1.49 17.88
N GLN A 48 7.30 1.56 19.00
CA GLN A 48 7.22 2.69 19.92
C GLN A 48 8.63 3.23 20.18
N TRP A 49 8.69 4.46 20.67
CA TRP A 49 9.95 5.18 20.85
C TRP A 49 10.17 5.55 22.30
N ASP A 50 11.45 5.70 22.68
CA ASP A 50 11.83 6.00 24.06
C ASP A 50 11.70 7.48 24.41
N SER A 51 11.48 8.35 23.43
CA SER A 51 11.41 9.78 23.68
C SER A 51 10.83 10.46 22.46
N PRO A 52 10.18 11.62 22.61
CA PRO A 52 9.69 12.34 21.43
C PRO A 52 10.79 12.62 20.43
N SER A 53 12.02 12.84 20.90
CA SER A 53 13.13 13.09 20.00
C SER A 53 13.43 11.87 19.13
N ARG A 54 13.35 10.67 19.70
CA ARG A 54 13.55 9.46 18.92
C ARG A 54 12.46 9.31 17.86
N MET A 55 11.22 9.68 18.20
CA MET A 55 10.14 9.62 17.22
C MET A 55 10.37 10.61 16.09
N TYR A 56 10.84 11.82 16.42
CA TYR A 56 11.05 12.84 15.39
C TYR A 56 12.12 12.39 14.40
N GLU A 57 13.26 11.91 14.91
CA GLU A 57 14.33 11.47 14.03
C GLU A 57 13.86 10.37 13.08
N ALA A 58 12.97 9.49 13.55
CA ALA A 58 12.48 8.42 12.69
C ALA A 58 11.57 8.97 11.61
N VAL A 59 10.64 9.84 11.98
CA VAL A 59 9.70 10.38 10.99
C VAL A 59 10.38 11.41 10.10
N THR A 60 11.35 12.16 10.61
CA THR A 60 12.06 13.13 9.80
C THR A 60 13.15 12.48 8.94
N ALA A 61 13.28 11.17 8.99
CA ALA A 61 14.15 10.48 8.03
C ALA A 61 13.67 10.69 6.60
N PHE A 62 12.40 10.99 6.39
CA PHE A 62 11.87 11.32 5.08
C PHE A 62 11.19 12.68 5.06
N HIS A 63 10.30 12.94 6.02
CA HIS A 63 9.61 14.22 6.07
C HIS A 63 10.49 15.30 6.69
N SER A 64 10.16 16.55 6.38
CA SER A 64 10.88 17.67 6.94
C SER A 64 10.34 18.00 8.33
N THR A 65 11.20 18.62 9.14
CA THR A 65 10.78 19.00 10.49
C THR A 65 9.62 19.98 10.45
N GLU A 66 9.63 20.92 9.51
CA GLU A 66 8.55 21.89 9.40
C GLU A 66 7.21 21.19 9.16
N TYR A 67 7.16 20.29 8.18
CA TYR A 67 5.92 19.58 7.89
C TYR A 67 5.44 18.80 9.11
N VAL A 68 6.31 17.95 9.67
CA VAL A 68 5.92 17.22 10.87
C VAL A 68 5.44 18.19 11.94
N ASP A 69 6.15 19.30 12.12
CA ASP A 69 5.69 20.33 13.04
C ASP A 69 4.28 20.78 12.72
N ALA A 70 4.02 21.08 11.45
CA ALA A 70 2.70 21.58 11.07
C ALA A 70 1.62 20.54 11.33
N LEU A 71 1.88 19.28 10.96
CA LEU A 71 0.93 18.21 11.24
C LEU A 71 0.65 18.10 12.74
N LYS A 72 1.68 18.27 13.58
CA LYS A 72 1.47 18.23 15.02
C LYS A 72 0.57 19.37 15.47
N LYS A 73 0.84 20.59 14.99
CA LYS A 73 0.02 21.73 15.36
C LYS A 73 -1.41 21.56 14.87
N LEU A 74 -1.60 21.02 13.67
CA LEU A 74 -2.94 20.83 13.13
C LEU A 74 -3.80 20.03 14.09
N GLN A 75 -3.27 18.92 14.61
CA GLN A 75 -4.03 18.13 15.58
C GLN A 75 -4.40 18.97 16.78
N MET A 76 -3.44 19.74 17.32
CA MET A 76 -3.71 20.58 18.48
C MET A 76 -4.86 21.53 18.21
N LEU A 77 -4.82 22.22 17.07
CA LEU A 77 -5.87 23.19 16.76
C LEU A 77 -7.22 22.51 16.60
N HIS A 78 -7.26 21.37 15.92
CA HIS A 78 -8.52 20.67 15.71
C HIS A 78 -9.08 20.08 17.00
N CYS A 79 -8.24 19.88 18.01
CA CYS A 79 -8.72 19.39 19.29
C CYS A 79 -9.48 20.43 20.08
N GLU A 80 -9.82 21.56 19.46
CA GLU A 80 -10.56 22.61 20.15
C GLU A 80 -11.47 23.35 19.18
N LEU A 84 -9.09 28.59 14.07
CA LEU A 84 -7.82 28.77 13.37
C LEU A 84 -7.59 30.22 13.00
N THR A 85 -6.33 30.65 13.04
CA THR A 85 -5.97 32.02 12.70
C THR A 85 -5.62 32.13 11.20
N ALA A 86 -5.54 33.38 10.73
CA ALA A 86 -5.21 33.60 9.33
C ALA A 86 -3.83 33.07 8.99
N ASP A 87 -2.84 33.39 9.83
CA ASP A 87 -1.49 32.87 9.62
C ASP A 87 -1.49 31.34 9.66
N ASP A 88 -2.28 30.75 10.55
CA ASP A 88 -2.37 29.29 10.58
C ASP A 88 -2.85 28.74 9.26
N GLU A 89 -3.87 29.38 8.66
CA GLU A 89 -4.41 28.91 7.40
C GLU A 89 -3.35 28.92 6.30
N LEU A 90 -2.62 30.02 6.16
CA LEU A 90 -1.54 30.06 5.18
C LEU A 90 -0.50 29.00 5.47
N LEU A 91 -0.20 28.77 6.76
CA LEU A 91 0.74 27.73 7.11
C LEU A 91 0.23 26.36 6.68
N MET A 92 -1.00 26.01 7.08
CA MET A 92 -1.58 24.73 6.69
C MET A 92 -1.65 24.59 5.17
N ASP A 93 -2.09 25.65 4.47
CA ASP A 93 -2.17 25.60 3.02
C ASP A 93 -0.82 25.30 2.38
N SER A 94 0.27 25.80 2.99
CA SER A 94 1.59 25.63 2.39
C SER A 94 2.05 24.18 2.43
N PHE A 95 1.47 23.35 3.29
CA PHE A 95 1.76 21.92 3.34
C PHE A 95 0.63 21.08 2.77
N SER A 96 -0.36 21.71 2.13
CA SER A 96 -1.53 21.03 1.57
C SER A 96 -2.41 20.39 2.65
N LEU A 97 -2.24 20.80 3.91
CA LEU A 97 -3.05 20.29 5.01
C LEU A 97 -4.42 20.99 5.03
N ASN A 98 -5.12 20.82 3.91
CA ASN A 98 -6.44 21.42 3.73
C ASN A 98 -7.17 20.63 2.64
N TYR A 99 -8.42 20.99 2.41
CA TYR A 99 -9.19 20.41 1.33
C TYR A 99 -9.22 18.88 1.41
N ASP A 100 -8.45 18.23 0.52
CA ASP A 100 -8.46 16.77 0.44
C ASP A 100 -7.90 16.12 1.70
N CYS A 101 -6.96 16.78 2.38
CA CYS A 101 -6.32 16.25 3.57
C CYS A 101 -6.57 17.18 4.74
N PRO A 102 -7.82 17.28 5.20
CA PRO A 102 -8.13 18.16 6.33
C PRO A 102 -7.59 17.60 7.64
N GLY A 103 -7.84 18.31 8.73
CA GLY A 103 -7.40 17.85 10.03
C GLY A 103 -8.56 17.33 10.87
N PHE A 104 -8.23 16.61 11.93
CA PHE A 104 -9.23 16.12 12.87
C PHE A 104 -8.53 15.89 14.19
N PRO A 105 -9.29 15.71 15.27
CA PRO A 105 -8.68 15.60 16.60
C PRO A 105 -7.50 14.65 16.67
N SER A 106 -7.44 13.61 15.83
CA SER A 106 -6.40 12.60 15.91
C SER A 106 -5.57 12.53 14.65
N VAL A 107 -5.53 13.61 13.87
CA VAL A 107 -4.89 13.56 12.55
C VAL A 107 -3.44 13.12 12.67
N PHE A 108 -2.72 13.62 13.67
CA PHE A 108 -1.32 13.24 13.80
C PHE A 108 -1.18 11.85 14.41
N ASP A 109 -1.89 11.58 15.50
CA ASP A 109 -1.86 10.23 16.08
C ASP A 109 -2.25 9.18 15.05
N TYR A 110 -3.20 9.51 14.19
CA TYR A 110 -3.61 8.56 13.14
C TYR A 110 -2.49 8.34 12.13
N SER A 111 -1.88 9.41 11.64
CA SER A 111 -0.82 9.28 10.65
C SER A 111 0.38 8.54 11.21
N LEU A 112 0.79 8.87 12.43
CA LEU A 112 1.96 8.24 13.02
C LEU A 112 1.74 6.75 13.23
N ALA A 113 0.54 6.37 13.64
CA ALA A 113 0.26 4.95 13.90
C ALA A 113 0.61 4.09 12.69
N ALA A 114 0.24 4.54 11.49
CA ALA A 114 0.57 3.79 10.28
C ALA A 114 2.08 3.60 10.17
N VAL A 115 2.84 4.65 10.43
CA VAL A 115 4.30 4.56 10.47
C VAL A 115 4.73 3.56 11.54
N GLN A 116 4.09 3.59 12.70
CA GLN A 116 4.44 2.66 13.77
C GLN A 116 4.27 1.22 13.32
N GLY A 117 3.19 0.92 12.60
CA GLY A 117 2.95 -0.44 12.17
C GLY A 117 3.92 -0.90 11.09
N SER A 118 4.10 -0.08 10.05
CA SER A 118 4.93 -0.49 8.95
C SER A 118 6.39 -0.61 9.37
N LEU A 119 6.85 0.26 10.27
CA LEU A 119 8.21 0.15 10.76
C LEU A 119 8.40 -1.12 11.58
N ALA A 120 7.43 -1.47 12.42
CA ALA A 120 7.51 -2.73 13.15
C ALA A 120 7.55 -3.91 12.20
N ALA A 121 6.78 -3.86 11.12
CA ALA A 121 6.77 -4.95 10.15
C ALA A 121 8.16 -5.13 9.52
N ALA A 122 8.78 -4.02 9.11
CA ALA A 122 10.10 -4.11 8.50
C ALA A 122 11.12 -4.72 9.46
N SER A 123 11.11 -4.29 10.73
CA SER A 123 12.02 -4.90 11.70
C SER A 123 11.72 -6.38 11.90
N ALA A 124 10.44 -6.75 11.86
CA ALA A 124 10.10 -8.17 11.97
C ALA A 124 10.69 -8.96 10.83
N LEU A 125 10.74 -8.36 9.64
CA LEU A 125 11.37 -9.00 8.49
C LEU A 125 12.88 -9.00 8.60
N ILE A 126 13.45 -7.90 9.10
CA ILE A 126 14.91 -7.79 9.17
C ILE A 126 15.49 -8.82 10.12
N CYS A 127 14.95 -8.91 11.34
CA CYS A 127 15.43 -9.89 12.30
C CYS A 127 14.95 -11.30 11.97
N ARG A 128 14.24 -11.50 10.87
CA ARG A 128 13.82 -12.82 10.39
C ARG A 128 12.84 -13.50 11.36
N HIS A 129 12.11 -12.71 12.15
CA HIS A 129 11.08 -13.31 13.00
C HIS A 129 9.89 -13.79 12.18
N CYS A 130 9.60 -13.12 11.06
CA CYS A 130 8.55 -13.52 10.14
C CYS A 130 9.08 -13.46 8.72
N GLU A 131 8.70 -14.43 7.90
CA GLU A 131 9.02 -14.41 6.49
C GLU A 131 8.14 -13.42 5.71
N VAL A 132 6.95 -13.13 6.21
CA VAL A 132 6.04 -12.17 5.61
C VAL A 132 5.28 -11.48 6.73
N VAL A 133 5.01 -10.19 6.57
CA VAL A 133 4.30 -9.41 7.58
C VAL A 133 3.23 -8.56 6.89
N ILE A 134 2.03 -8.57 7.45
CA ILE A 134 0.90 -7.83 6.90
C ILE A 134 0.62 -6.62 7.78
N ASN A 135 0.24 -5.52 7.16
CA ASN A 135 -0.17 -4.31 7.88
C ASN A 135 -1.32 -3.65 7.12
N TRP A 136 -2.55 -4.01 7.48
CA TRP A 136 -3.72 -3.42 6.85
C TRP A 136 -3.99 -1.98 7.29
N GLY A 137 -3.16 -1.45 8.18
CA GLY A 137 -3.22 -0.07 8.60
C GLY A 137 -2.30 0.88 7.86
N GLY A 138 -1.42 0.36 7.00
CA GLY A 138 -0.47 1.18 6.26
C GLY A 138 -0.72 1.18 4.76
N GLY A 139 0.26 1.72 4.04
CA GLY A 139 0.19 1.84 2.60
C GLY A 139 -0.22 3.19 2.06
N TRP A 140 0.07 4.27 2.78
CA TRP A 140 -0.35 5.62 2.38
C TRP A 140 0.71 6.21 1.45
N HIS A 141 0.72 5.70 0.23
CA HIS A 141 1.78 5.94 -0.75
C HIS A 141 1.82 7.36 -1.31
N HIS A 142 0.81 8.20 -1.02
CA HIS A 142 0.80 9.53 -1.63
C HIS A 142 1.55 10.57 -0.81
N ALA A 143 1.83 10.30 0.46
CA ALA A 143 2.49 11.28 1.32
C ALA A 143 3.85 11.66 0.75
N LYS A 144 4.08 12.96 0.64
CA LYS A 144 5.34 13.50 0.15
C LYS A 144 6.16 14.04 1.33
N ARG A 145 7.40 14.41 1.02
CA ARG A 145 8.33 14.84 2.07
C ARG A 145 7.76 15.98 2.90
N SER A 146 7.15 16.97 2.24
CA SER A 146 6.63 18.16 2.90
C SER A 146 5.23 18.50 2.42
N GLU A 147 4.41 17.48 2.19
CA GLU A 147 3.10 17.71 1.60
C GLU A 147 2.21 16.49 1.80
N ALA A 148 1.02 16.72 2.33
CA ALA A 148 0.00 15.69 2.39
C ALA A 148 -0.74 15.60 1.05
N SER A 149 -1.23 14.41 0.73
CA SER A 149 -1.90 14.22 -0.55
C SER A 149 -2.79 12.99 -0.47
N GLY A 150 -3.98 13.08 -1.08
CA GLY A 150 -4.90 11.96 -1.15
C GLY A 150 -5.13 11.27 0.18
N PHE A 151 -5.42 12.07 1.21
CA PHE A 151 -5.64 11.58 2.58
C PHE A 151 -4.46 10.76 3.08
N CYS A 152 -3.25 11.05 2.59
CA CYS A 152 -2.02 10.45 3.06
C CYS A 152 -1.20 11.54 3.74
N TYR A 153 -0.97 11.40 5.05
CA TYR A 153 -0.29 12.44 5.81
C TYR A 153 1.15 12.09 6.16
N LEU A 154 1.48 10.80 6.31
CA LEU A 154 2.84 10.37 6.54
C LEU A 154 3.06 9.10 5.74
N ASN A 155 4.19 9.03 5.04
CA ASN A 155 4.46 7.92 4.13
C ASN A 155 5.11 6.77 4.93
N ASP A 156 4.25 5.96 5.55
CA ASP A 156 4.73 4.79 6.25
C ASP A 156 5.50 3.86 5.33
N ILE A 157 5.12 3.82 4.04
CA ILE A 157 5.80 2.95 3.09
C ILE A 157 7.25 3.37 2.91
N VAL A 158 7.48 4.66 2.64
CA VAL A 158 8.83 5.14 2.39
C VAL A 158 9.71 4.86 3.59
N LEU A 159 9.23 5.20 4.79
CA LEU A 159 10.01 4.98 6.00
C LEU A 159 10.32 3.50 6.19
N ALA A 160 9.36 2.62 5.93
CA ALA A 160 9.60 1.19 6.06
C ALA A 160 10.69 0.73 5.09
N ILE A 161 10.60 1.13 3.83
CA ILE A 161 11.59 0.74 2.84
C ILE A 161 12.97 1.25 3.23
N HIS A 162 13.04 2.52 3.64
CA HIS A 162 14.30 3.05 4.14
C HIS A 162 14.92 2.13 5.18
N ARG A 163 14.11 1.69 6.14
CA ARG A 163 14.62 0.76 7.15
C ARG A 163 15.12 -0.52 6.51
N LEU A 164 14.38 -1.05 5.54
CA LEU A 164 14.79 -2.31 4.91
C LEU A 164 16.11 -2.15 4.17
N VAL A 165 16.20 -1.14 3.29
CA VAL A 165 17.43 -0.95 2.52
C VAL A 165 18.59 -0.55 3.42
N SER A 166 18.31 -0.01 4.61
CA SER A 166 19.35 0.41 5.53
C SER A 166 19.99 -0.74 6.29
N SER A 167 19.33 -1.90 6.34
CA SER A 167 19.81 -3.02 7.15
C SER A 167 21.00 -3.70 6.48
N THR A 168 21.73 -4.48 7.27
CA THR A 168 22.90 -5.20 6.78
C THR A 168 22.50 -6.29 5.80
N GLN A 177 24.83 -5.86 -1.42
CA GLN A 177 24.01 -4.67 -1.64
C GLN A 177 22.52 -4.97 -1.45
N THR A 178 21.92 -4.36 -0.44
CA THR A 178 20.50 -4.57 -0.20
C THR A 178 19.68 -3.84 -1.25
N ARG A 179 18.80 -4.58 -1.91
CA ARG A 179 17.89 -4.02 -2.91
C ARG A 179 16.45 -4.37 -2.55
N VAL A 180 15.56 -3.39 -2.67
CA VAL A 180 14.15 -3.56 -2.33
C VAL A 180 13.31 -3.27 -3.57
N LEU A 181 12.38 -4.18 -3.87
CA LEU A 181 11.45 -4.01 -4.97
C LEU A 181 10.07 -3.65 -4.40
N TYR A 182 9.53 -2.52 -4.85
CA TYR A 182 8.24 -2.03 -4.39
C TYR A 182 7.19 -2.23 -5.49
N VAL A 183 6.10 -2.92 -5.16
CA VAL A 183 5.01 -3.19 -6.08
C VAL A 183 3.75 -2.51 -5.56
N ASP A 184 3.16 -1.65 -6.39
CA ASP A 184 2.01 -0.83 -6.00
C ASP A 184 0.79 -1.25 -6.85
N LEU A 185 -0.12 -2.01 -6.23
CA LEU A 185 -1.30 -2.53 -6.92
C LEU A 185 -2.54 -1.65 -6.76
N ASP A 186 -2.45 -0.57 -5.99
CA ASP A 186 -3.52 0.41 -5.83
C ASP A 186 -4.04 0.86 -7.19
N LEU A 187 -5.29 1.34 -7.24
CA LEU A 187 -5.83 1.92 -8.47
C LEU A 187 -5.13 3.23 -8.83
N HIS A 188 -4.52 3.90 -7.86
CA HIS A 188 -3.86 5.18 -8.08
C HIS A 188 -2.35 5.01 -8.16
N HIS A 189 -1.71 5.89 -8.92
CA HIS A 189 -0.26 5.85 -9.05
C HIS A 189 0.39 6.12 -7.69
N GLY A 190 1.35 5.27 -7.32
CA GLY A 190 2.09 5.46 -6.09
C GLY A 190 3.17 6.51 -6.22
N ASP A 191 2.75 7.77 -6.39
CA ASP A 191 3.71 8.83 -6.67
C ASP A 191 4.65 9.09 -5.49
N GLY A 192 4.11 9.06 -4.27
CA GLY A 192 4.93 9.42 -3.12
C GLY A 192 6.14 8.52 -2.94
N VAL A 193 5.91 7.20 -2.97
CA VAL A 193 7.01 6.24 -2.86
C VAL A 193 7.96 6.38 -4.05
N GLU A 194 7.41 6.68 -5.23
CA GLU A 194 8.23 6.75 -6.43
C GLU A 194 9.16 7.95 -6.42
N GLU A 195 8.67 9.12 -5.97
CA GLU A 195 9.51 10.31 -5.94
C GLU A 195 10.58 10.20 -4.87
N ALA A 196 10.24 9.61 -3.72
CA ALA A 196 11.21 9.51 -2.63
C ALA A 196 12.47 8.78 -3.06
N PHE A 197 12.33 7.76 -3.90
CA PHE A 197 13.45 6.96 -4.37
C PHE A 197 13.80 7.23 -5.83
N TRP A 198 13.38 8.38 -6.35
CA TRP A 198 13.63 8.73 -7.75
C TRP A 198 15.11 8.59 -8.12
N TYR A 199 16.01 8.94 -7.21
CA TYR A 199 17.44 8.96 -7.52
C TYR A 199 18.18 7.72 -7.04
N SER A 200 17.48 6.72 -6.51
CA SER A 200 18.15 5.57 -5.93
C SER A 200 17.94 4.32 -6.78
N PRO A 201 19.00 3.65 -7.25
CA PRO A 201 18.81 2.37 -7.94
C PRO A 201 18.61 1.20 -6.98
N ARG A 202 18.80 1.40 -5.68
CA ARG A 202 18.66 0.32 -4.71
C ARG A 202 17.21 -0.01 -4.41
N VAL A 203 16.28 0.88 -4.75
CA VAL A 203 14.85 0.66 -4.52
C VAL A 203 14.16 0.80 -5.88
N VAL A 204 13.78 -0.33 -6.46
CA VAL A 204 13.06 -0.33 -7.74
C VAL A 204 11.57 -0.29 -7.44
N THR A 205 10.89 0.74 -7.95
CA THR A 205 9.47 0.91 -7.73
C THR A 205 8.70 0.56 -9.00
N PHE A 206 7.63 -0.21 -8.83
CA PHE A 206 6.72 -0.58 -9.91
C PHE A 206 5.31 -0.28 -9.48
N SER A 207 4.59 0.52 -10.28
CA SER A 207 3.21 0.87 -9.98
C SER A 207 2.35 0.54 -11.18
N VAL A 208 1.27 -0.20 -10.96
CA VAL A 208 0.21 -0.42 -11.94
C VAL A 208 -1.02 0.33 -11.46
N HIS A 209 -1.65 1.08 -12.34
CA HIS A 209 -2.67 2.04 -11.91
C HIS A 209 -3.43 2.51 -13.13
N HIS A 210 -4.53 3.20 -12.88
CA HIS A 210 -5.24 3.91 -13.94
C HIS A 210 -4.71 5.34 -14.05
N ALA A 211 -4.71 5.87 -15.27
CA ALA A 211 -4.31 7.24 -15.50
C ALA A 211 -5.09 7.78 -16.70
N SER A 212 -5.56 9.02 -16.58
CA SER A 212 -6.28 9.69 -17.65
C SER A 212 -6.44 11.17 -17.29
N PRO A 213 -6.79 12.02 -18.25
CA PRO A 213 -6.84 13.47 -17.97
C PRO A 213 -7.76 13.77 -16.80
N GLY A 214 -7.23 14.54 -15.85
CA GLY A 214 -7.99 14.94 -14.68
C GLY A 214 -8.07 13.91 -13.57
N PHE A 215 -7.49 12.73 -13.73
CA PHE A 215 -7.58 11.67 -12.74
C PHE A 215 -6.43 11.74 -11.75
N PHE A 216 -6.75 11.60 -10.46
CA PHE A 216 -5.75 11.74 -9.41
C PHE A 216 -4.75 10.58 -9.49
N PRO A 217 -3.45 10.84 -9.28
CA PRO A 217 -2.86 12.17 -9.08
C PRO A 217 -2.26 12.77 -10.36
N GLY A 218 -2.53 12.16 -11.51
CA GLY A 218 -2.07 12.68 -12.78
C GLY A 218 -0.72 12.18 -13.24
N THR A 219 0.04 11.51 -12.39
CA THR A 219 1.38 11.06 -12.73
C THR A 219 1.37 9.55 -13.04
N GLY A 220 2.52 9.06 -13.46
CA GLY A 220 2.67 7.67 -13.80
C GLY A 220 2.31 7.32 -15.22
N THR A 221 2.43 8.26 -16.15
CA THR A 221 2.06 8.06 -17.54
C THR A 221 3.03 8.86 -18.41
N TRP A 222 2.63 9.14 -19.65
CA TRP A 222 3.50 9.88 -20.57
C TRP A 222 3.65 11.33 -20.12
N ASN A 223 4.77 11.94 -20.51
CA ASN A 223 5.04 13.33 -20.23
C ASN A 223 5.07 14.13 -21.52
N MET A 224 4.75 15.42 -21.42
CA MET A 224 4.69 16.29 -22.60
C MET A 224 4.96 17.75 -22.22
N LYS A 229 8.81 16.74 -29.51
CA LYS A 229 8.45 15.81 -30.58
C LYS A 229 7.26 14.95 -30.17
N LEU A 230 7.52 13.87 -29.45
CA LEU A 230 6.52 12.94 -28.99
C LEU A 230 6.64 12.75 -27.49
N PRO A 231 5.65 12.12 -26.86
CA PRO A 231 5.70 11.94 -25.40
C PRO A 231 6.90 11.11 -24.97
N ILE A 232 7.31 11.33 -23.72
CA ILE A 232 8.41 10.60 -23.12
C ILE A 232 7.96 10.05 -21.77
N PHE A 233 8.55 8.93 -21.38
CA PHE A 233 8.22 8.25 -20.13
C PHE A 233 9.39 8.40 -19.16
N LEU A 234 9.22 9.23 -18.14
CA LEU A 234 10.24 9.38 -17.12
C LEU A 234 10.31 8.14 -16.24
N ASN A 235 11.50 7.84 -15.74
CA ASN A 235 11.73 6.59 -15.01
C ASN A 235 12.88 6.75 -14.02
N GLY A 236 13.00 7.91 -13.39
CA GLY A 236 14.06 8.19 -12.45
C GLY A 236 15.11 9.11 -13.04
N ALA A 237 16.10 9.43 -12.21
CA ALA A 237 17.19 10.30 -12.64
C ALA A 237 18.48 9.92 -11.93
N GLY A 238 19.59 10.44 -12.45
CA GLY A 238 20.88 10.19 -11.83
C GLY A 238 21.21 8.72 -11.79
N ARG A 239 21.77 8.28 -10.65
CA ARG A 239 22.06 6.85 -10.47
C ARG A 239 20.79 6.02 -10.48
N GLY A 240 19.64 6.64 -10.27
CA GLY A 240 18.36 5.94 -10.23
C GLY A 240 17.62 5.89 -11.55
N ARG A 241 18.20 6.37 -12.64
CA ARG A 241 17.53 6.32 -13.93
C ARG A 241 17.11 4.89 -14.26
N PHE A 242 15.93 4.74 -14.85
CA PHE A 242 15.34 3.47 -15.23
C PHE A 242 14.92 2.63 -14.04
N SER A 243 14.84 3.22 -12.84
CA SER A 243 14.49 2.49 -11.63
C SER A 243 13.04 2.65 -11.24
N ALA A 244 12.27 3.49 -11.92
CA ALA A 244 10.86 3.73 -11.62
C ALA A 244 10.03 3.24 -12.80
N PHE A 245 9.36 2.10 -12.62
CA PHE A 245 8.54 1.49 -13.65
C PHE A 245 7.08 1.83 -13.42
N ASN A 246 6.36 2.10 -14.51
CA ASN A 246 4.95 2.45 -14.42
C ASN A 246 4.17 1.76 -15.53
N LEU A 247 2.99 1.24 -15.19
CA LEU A 247 2.08 0.65 -16.18
C LEU A 247 0.70 1.22 -15.99
N PRO A 248 0.33 2.25 -16.75
CA PRO A 248 -1.03 2.79 -16.69
C PRO A 248 -1.96 2.00 -17.59
N LEU A 249 -3.15 1.69 -17.06
CA LEU A 249 -4.16 0.93 -17.79
C LEU A 249 -5.44 1.74 -17.90
N GLU A 250 -6.21 1.46 -18.94
CA GLU A 250 -7.50 2.13 -19.14
C GLU A 250 -8.57 1.50 -18.27
N GLU A 251 -9.63 2.25 -18.03
CA GLU A 251 -10.70 1.77 -17.16
C GLU A 251 -11.36 0.53 -17.77
N GLY A 252 -11.92 -0.31 -16.90
CA GLY A 252 -12.69 -1.45 -17.30
C GLY A 252 -11.95 -2.78 -17.33
N ILE A 253 -10.65 -2.79 -17.00
CA ILE A 253 -9.87 -4.01 -17.11
C ILE A 253 -10.35 -5.04 -16.09
N ASN A 254 -10.34 -6.32 -16.49
CA ASN A 254 -10.84 -7.40 -15.66
C ASN A 254 -9.68 -8.17 -15.01
N ASP A 255 -10.03 -9.21 -14.26
CA ASP A 255 -9.02 -9.98 -13.54
C ASP A 255 -7.99 -10.56 -14.50
N LEU A 256 -8.45 -11.14 -15.61
CA LEU A 256 -7.55 -11.81 -16.53
C LEU A 256 -6.59 -10.82 -17.20
N ASP A 257 -7.14 -9.82 -17.88
CA ASP A 257 -6.28 -8.87 -18.57
C ASP A 257 -5.31 -8.19 -17.60
N TRP A 258 -5.77 -7.88 -16.40
CA TRP A 258 -4.92 -7.25 -15.41
C TRP A 258 -3.76 -8.16 -15.00
N SER A 259 -4.08 -9.41 -14.66
CA SER A 259 -3.03 -10.36 -14.31
C SER A 259 -2.08 -10.58 -15.48
N ASN A 260 -2.61 -10.64 -16.70
CA ASN A 260 -1.77 -10.82 -17.89
C ASN A 260 -0.84 -9.63 -18.09
N ALA A 261 -1.33 -8.42 -17.85
CA ALA A 261 -0.50 -7.24 -18.02
C ALA A 261 0.66 -7.23 -17.02
N ILE A 262 0.35 -7.40 -15.74
CA ILE A 262 1.38 -7.29 -14.71
C ILE A 262 2.21 -8.57 -14.55
N GLY A 263 1.72 -9.70 -15.04
CA GLY A 263 2.38 -10.97 -14.84
C GLY A 263 3.82 -10.97 -15.29
N PRO A 264 4.05 -10.87 -16.60
CA PRO A 264 5.44 -10.92 -17.11
C PRO A 264 6.34 -9.86 -16.53
N ILE A 265 5.81 -8.67 -16.25
CA ILE A 265 6.62 -7.62 -15.62
C ILE A 265 7.09 -8.07 -14.25
N LEU A 266 6.16 -8.64 -13.46
CA LEU A 266 6.52 -9.08 -12.11
C LEU A 266 7.62 -10.12 -12.16
N ASP A 267 7.45 -11.13 -13.01
CA ASP A 267 8.48 -12.16 -13.15
C ASP A 267 9.82 -11.54 -13.53
N SER A 268 9.83 -10.69 -14.55
CA SER A 268 11.09 -10.14 -15.05
C SER A 268 11.76 -9.25 -14.01
N LEU A 269 10.97 -8.50 -13.23
CA LEU A 269 11.54 -7.67 -12.19
C LEU A 269 12.25 -8.52 -11.15
N ASN A 270 11.61 -9.59 -10.70
CA ASN A 270 12.24 -10.47 -9.71
C ASN A 270 13.50 -11.11 -10.27
N ILE A 271 13.48 -11.47 -11.55
CA ILE A 271 14.64 -12.12 -12.16
C ILE A 271 15.81 -11.15 -12.27
N VAL A 272 15.55 -9.95 -12.78
CA VAL A 272 16.64 -9.01 -13.03
C VAL A 272 17.13 -8.40 -11.71
N ILE A 273 16.21 -7.92 -10.88
CA ILE A 273 16.61 -7.20 -9.69
C ILE A 273 17.04 -8.14 -8.56
N GLN A 274 16.47 -9.34 -8.48
CA GLN A 274 16.77 -10.24 -7.38
C GLN A 274 16.63 -9.49 -6.06
N PRO A 275 15.42 -9.12 -5.66
CA PRO A 275 15.27 -8.27 -4.47
C PRO A 275 15.67 -9.01 -3.20
N SER A 276 16.10 -8.23 -2.21
CA SER A 276 16.27 -8.72 -0.85
C SER A 276 14.98 -8.61 -0.04
N TYR A 277 14.14 -7.65 -0.37
CA TYR A 277 12.84 -7.47 0.25
C TYR A 277 11.85 -6.98 -0.80
N VAL A 278 10.61 -7.42 -0.68
CA VAL A 278 9.53 -6.97 -1.55
C VAL A 278 8.48 -6.30 -0.68
N VAL A 279 8.09 -5.08 -1.05
CA VAL A 279 7.04 -4.33 -0.38
C VAL A 279 5.89 -4.19 -1.36
N VAL A 280 4.72 -4.69 -0.97
CA VAL A 280 3.55 -4.70 -1.84
C VAL A 280 2.48 -3.82 -1.21
N GLN A 281 2.12 -2.76 -1.91
CA GLN A 281 0.94 -1.97 -1.58
C GLN A 281 -0.26 -2.59 -2.27
N CYS A 282 -1.23 -3.05 -1.49
CA CYS A 282 -2.36 -3.82 -1.98
C CYS A 282 -3.68 -3.06 -1.87
N GLY A 283 -3.67 -1.77 -2.17
CA GLY A 283 -4.88 -0.97 -2.12
C GLY A 283 -6.02 -1.64 -2.85
N ALA A 284 -7.23 -1.54 -2.31
CA ALA A 284 -8.36 -2.33 -2.78
C ALA A 284 -9.34 -1.52 -3.61
N ASP A 285 -8.93 -0.37 -4.16
CA ASP A 285 -9.84 0.41 -4.97
C ASP A 285 -9.89 -0.02 -6.42
N CYS A 286 -9.22 -1.13 -6.77
CA CYS A 286 -9.36 -1.75 -8.09
C CYS A 286 -10.55 -2.68 -8.21
N LEU A 287 -11.18 -3.03 -7.09
CA LEU A 287 -12.33 -3.94 -7.13
C LEU A 287 -13.47 -3.33 -7.94
N ALA A 288 -14.19 -4.18 -8.65
CA ALA A 288 -15.31 -3.73 -9.47
C ALA A 288 -16.38 -3.01 -8.65
N THR A 289 -16.43 -3.22 -7.34
CA THR A 289 -17.46 -2.65 -6.49
C THR A 289 -17.02 -1.37 -5.78
N ASP A 290 -15.80 -0.91 -6.04
CA ASP A 290 -15.35 0.34 -5.45
C ASP A 290 -16.19 1.50 -5.99
N PRO A 291 -16.41 2.54 -5.18
CA PRO A 291 -17.18 3.69 -5.67
C PRO A 291 -16.57 4.34 -6.90
N HIS A 292 -15.24 4.39 -7.00
CA HIS A 292 -14.61 4.92 -8.21
C HIS A 292 -15.12 4.22 -9.45
N ARG A 293 -15.27 2.89 -9.39
CA ARG A 293 -15.72 2.10 -10.52
C ARG A 293 -14.87 2.40 -11.75
N ILE A 294 -13.57 2.09 -11.63
CA ILE A 294 -12.63 2.20 -12.75
C ILE A 294 -12.20 0.82 -13.24
N PHE A 295 -11.60 0.02 -12.37
CA PHE A 295 -11.23 -1.34 -12.73
C PHE A 295 -12.34 -2.31 -12.30
N ARG A 296 -12.30 -3.52 -12.88
CA ARG A 296 -13.31 -4.54 -12.62
C ARG A 296 -12.69 -5.81 -12.04
N LEU A 297 -11.72 -5.64 -11.14
CA LEU A 297 -11.13 -6.79 -10.45
C LEU A 297 -12.05 -7.28 -9.35
N THR A 298 -11.93 -8.56 -9.03
CA THR A 298 -12.72 -9.19 -7.98
C THR A 298 -11.79 -9.76 -6.90
N ASN A 299 -12.38 -10.52 -5.98
CA ASN A 299 -11.65 -11.21 -4.92
C ASN A 299 -11.85 -12.72 -5.01
N PHE A 300 -12.12 -13.22 -6.22
CA PHE A 300 -12.54 -14.60 -6.41
C PHE A 300 -11.35 -15.55 -6.33
N TYR A 301 -11.64 -16.78 -5.88
CA TYR A 301 -10.65 -17.84 -5.76
C TYR A 301 -11.33 -19.19 -5.96
N PRO A 302 -10.98 -19.94 -7.02
CA PRO A 302 -11.61 -21.23 -7.32
C PRO A 302 -10.98 -22.39 -6.56
N LEU A 316 -10.30 -16.05 -11.33
CA LEU A 316 -9.34 -15.82 -10.25
C LEU A 316 -8.97 -14.33 -10.11
N SER A 317 -9.05 -13.82 -8.88
CA SER A 317 -8.76 -12.41 -8.63
C SER A 317 -7.35 -12.04 -9.09
N GLY A 318 -7.22 -10.86 -9.68
CA GLY A 318 -5.90 -10.36 -10.04
C GLY A 318 -5.02 -10.12 -8.82
N TYR A 319 -5.61 -9.59 -7.75
CA TYR A 319 -4.87 -9.36 -6.51
C TYR A 319 -4.21 -10.64 -6.02
N LEU A 320 -4.99 -11.72 -5.94
CA LEU A 320 -4.46 -12.98 -5.43
C LEU A 320 -3.43 -13.58 -6.38
N TYR A 321 -3.65 -13.47 -7.69
CA TYR A 321 -2.66 -13.94 -8.65
C TYR A 321 -1.33 -13.23 -8.48
N ALA A 322 -1.36 -11.92 -8.20
CA ALA A 322 -0.12 -11.18 -8.02
C ALA A 322 0.55 -11.53 -6.70
N ILE A 323 -0.24 -11.67 -5.63
CA ILE A 323 0.32 -12.01 -4.32
C ILE A 323 0.86 -13.43 -4.33
N LYS A 324 0.15 -14.36 -4.98
CA LYS A 324 0.65 -15.72 -5.09
C LYS A 324 1.96 -15.77 -5.85
N LYS A 325 2.07 -15.02 -6.94
CA LYS A 325 3.29 -15.01 -7.72
C LYS A 325 4.45 -14.42 -6.93
N ILE A 326 4.19 -13.32 -6.19
CA ILE A 326 5.23 -12.70 -5.37
C ILE A 326 5.66 -13.64 -4.25
N LEU A 327 4.70 -14.23 -3.54
CA LEU A 327 5.04 -15.15 -2.47
C LEU A 327 5.82 -16.34 -2.99
N SER A 328 5.56 -16.77 -4.22
CA SER A 328 6.31 -17.89 -4.79
C SER A 328 7.79 -17.60 -4.86
N TRP A 329 8.17 -16.32 -4.96
CA TRP A 329 9.57 -15.95 -4.99
C TRP A 329 10.31 -16.34 -3.72
N LYS A 330 9.59 -16.53 -2.62
CA LYS A 330 10.19 -16.92 -1.34
C LYS A 330 11.21 -15.87 -0.88
N VAL A 331 10.79 -14.61 -0.98
CA VAL A 331 11.61 -13.49 -0.53
C VAL A 331 10.89 -12.83 0.63
N PRO A 332 11.60 -12.40 1.68
CA PRO A 332 10.92 -11.68 2.77
C PRO A 332 10.09 -10.54 2.24
N THR A 333 8.78 -10.59 2.49
CA THR A 333 7.84 -9.67 1.86
C THR A 333 7.04 -8.91 2.90
N LEU A 334 6.72 -7.66 2.56
CA LEU A 334 5.84 -6.80 3.34
C LEU A 334 4.57 -6.54 2.54
N ILE A 335 3.41 -6.83 3.12
CA ILE A 335 2.12 -6.61 2.47
C ILE A 335 1.39 -5.48 3.20
N LEU A 336 1.14 -4.38 2.51
CA LEU A 336 0.51 -3.20 3.08
C LEU A 336 -0.88 -3.00 2.51
N GLY A 337 -1.68 -2.20 3.21
CA GLY A 337 -3.01 -1.86 2.74
C GLY A 337 -2.99 -0.73 1.73
N GLY A 338 -3.92 0.19 1.85
CA GLY A 338 -3.98 1.32 0.93
C GLY A 338 -5.41 1.76 0.72
N GLY A 339 -5.68 2.21 -0.50
CA GLY A 339 -7.00 2.70 -0.83
C GLY A 339 -8.07 1.61 -0.72
N GLY A 340 -9.31 2.06 -0.74
CA GLY A 340 -10.44 1.15 -0.64
C GLY A 340 -11.56 1.76 0.16
N TYR A 341 -12.60 2.24 -0.52
CA TYR A 341 -13.68 2.96 0.15
C TYR A 341 -14.95 2.15 0.26
N ASN A 342 -15.03 0.99 -0.37
CA ASN A 342 -16.05 -0.01 -0.06
C ASN A 342 -15.51 -0.85 1.09
N PHE A 343 -15.85 -0.46 2.32
CA PHE A 343 -15.22 -1.08 3.48
C PHE A 343 -15.46 -2.57 3.55
N PRO A 344 -16.70 -3.07 3.51
CA PRO A 344 -16.90 -4.54 3.57
C PRO A 344 -16.14 -5.28 2.48
N ASP A 345 -16.19 -4.82 1.23
CA ASP A 345 -15.53 -5.55 0.16
C ASP A 345 -14.01 -5.49 0.29
N THR A 346 -13.48 -4.35 0.76
CA THR A 346 -12.06 -4.28 1.07
C THR A 346 -11.67 -5.36 2.06
N ALA A 347 -12.40 -5.48 3.18
CA ALA A 347 -12.16 -6.56 4.12
C ALA A 347 -12.35 -7.93 3.45
N ARG A 348 -13.33 -8.04 2.56
CA ARG A 348 -13.53 -9.27 1.81
C ARG A 348 -12.28 -9.67 1.05
N LEU A 349 -11.61 -8.70 0.42
CA LEU A 349 -10.42 -9.01 -0.36
C LEU A 349 -9.22 -9.28 0.54
N TRP A 350 -8.97 -8.40 1.50
CA TRP A 350 -7.79 -8.53 2.35
C TRP A 350 -7.85 -9.76 3.24
N THR A 351 -9.06 -10.25 3.56
CA THR A 351 -9.16 -11.49 4.30
C THR A 351 -8.62 -12.67 3.50
N ARG A 352 -8.95 -12.74 2.22
CA ARG A 352 -8.45 -13.83 1.39
C ARG A 352 -6.95 -13.71 1.15
N VAL A 353 -6.46 -12.48 0.99
CA VAL A 353 -5.01 -12.27 0.88
C VAL A 353 -4.31 -12.86 2.09
N THR A 354 -4.84 -12.60 3.29
CA THR A 354 -4.25 -13.14 4.50
C THR A 354 -4.27 -14.67 4.49
N ALA A 355 -5.42 -15.25 4.19
CA ALA A 355 -5.52 -16.71 4.12
C ALA A 355 -4.53 -17.25 3.10
N LEU A 356 -4.50 -16.64 1.91
CA LEU A 356 -3.58 -17.10 0.88
C LEU A 356 -2.14 -17.00 1.33
N THR A 357 -1.80 -15.91 2.03
CA THR A 357 -0.44 -15.78 2.57
C THR A 357 -0.13 -16.91 3.54
N ILE A 358 -1.09 -17.27 4.38
CA ILE A 358 -0.87 -18.37 5.34
C ILE A 358 -0.66 -19.67 4.59
N GLU A 359 -1.38 -19.87 3.48
CA GLU A 359 -1.21 -21.08 2.69
C GLU A 359 0.18 -21.17 2.10
N GLU A 360 0.63 -20.11 1.42
CA GLU A 360 1.91 -20.14 0.74
C GLU A 360 3.07 -20.21 1.72
N VAL A 361 3.06 -19.36 2.75
CA VAL A 361 4.23 -19.22 3.61
C VAL A 361 4.36 -20.42 4.54
N LYS A 362 3.26 -20.80 5.20
CA LYS A 362 3.30 -21.89 6.18
C LYS A 362 3.04 -23.26 5.58
N GLY A 363 2.44 -23.33 4.40
CA GLY A 363 2.14 -24.61 3.80
C GLY A 363 0.93 -25.32 4.34
N LYS A 364 0.07 -24.61 5.06
CA LYS A 364 -1.16 -25.18 5.63
C LYS A 364 -2.35 -24.58 4.89
N LYS A 365 -3.08 -25.43 4.18
CA LYS A 365 -4.23 -24.94 3.42
C LYS A 365 -5.24 -24.27 4.36
N MET A 366 -5.83 -23.18 3.89
CA MET A 366 -6.76 -22.38 4.68
C MET A 366 -8.09 -22.29 3.95
N THR A 367 -8.80 -23.40 3.90
CA THR A 367 -10.12 -23.45 3.25
C THR A 367 -11.09 -22.52 3.96
N ILE A 368 -11.54 -21.48 3.27
CA ILE A 368 -12.42 -20.47 3.84
C ILE A 368 -13.86 -20.81 3.49
N SER A 369 -14.78 -20.33 4.33
CA SER A 369 -16.20 -20.60 4.11
C SER A 369 -16.79 -19.57 3.16
N PRO A 370 -17.45 -20.00 2.08
CA PRO A 370 -18.11 -19.05 1.18
C PRO A 370 -19.06 -18.09 1.89
N GLU A 371 -19.53 -18.48 3.07
CA GLU A 371 -20.49 -17.70 3.82
C GLU A 371 -19.77 -16.86 4.88
N ILE A 372 -20.11 -15.58 4.96
CA ILE A 372 -19.51 -14.74 5.99
C ILE A 372 -19.91 -15.26 7.37
N PRO A 373 -18.96 -15.49 8.27
CA PRO A 373 -19.33 -16.01 9.59
C PRO A 373 -19.92 -14.92 10.47
N GLU A 374 -20.76 -15.35 11.41
CA GLU A 374 -21.43 -14.43 12.32
C GLU A 374 -20.42 -13.73 13.23
N HIS A 375 -20.55 -12.43 13.36
CA HIS A 375 -19.69 -11.64 14.24
C HIS A 375 -20.29 -10.24 14.35
N SER A 376 -19.60 -9.37 15.08
CA SER A 376 -20.17 -8.07 15.43
C SER A 376 -20.57 -7.27 14.20
N TYR A 377 -19.79 -7.37 13.12
CA TYR A 377 -20.03 -6.60 11.91
C TYR A 377 -20.75 -7.41 10.84
N PHE A 378 -21.38 -8.52 11.21
CA PHE A 378 -22.07 -9.35 10.22
C PHE A 378 -23.08 -8.54 9.42
N SER A 379 -23.83 -7.66 10.09
CA SER A 379 -24.85 -6.87 9.42
C SER A 379 -24.29 -6.12 8.22
N ARG A 380 -23.07 -5.58 8.36
CA ARG A 380 -22.50 -4.76 7.29
C ARG A 380 -22.25 -5.53 6.01
N TYR A 381 -22.34 -6.86 6.03
CA TYR A 381 -21.97 -7.68 4.88
C TYR A 381 -23.18 -8.15 4.08
N GLY A 382 -24.33 -7.47 4.22
CA GLY A 382 -25.49 -7.78 3.42
C GLY A 382 -25.36 -7.28 2.00
N PRO A 383 -26.36 -7.60 1.18
CA PRO A 383 -27.56 -8.36 1.57
C PRO A 383 -27.40 -9.87 1.36
N ASP A 384 -26.28 -10.28 0.80
CA ASP A 384 -26.02 -11.69 0.49
C ASP A 384 -25.12 -12.37 1.51
N PHE A 385 -24.25 -11.62 2.19
CA PHE A 385 -23.43 -12.17 3.27
C PHE A 385 -22.54 -13.30 2.79
N GLU A 386 -22.03 -13.18 1.56
CA GLU A 386 -21.08 -14.11 0.98
C GLU A 386 -19.69 -13.49 0.97
N LEU A 387 -18.67 -14.36 0.95
CA LEU A 387 -17.30 -13.87 0.93
C LEU A 387 -16.96 -13.27 -0.43
N ASP A 388 -17.44 -13.89 -1.51
CA ASP A 388 -17.30 -13.30 -2.83
C ASP A 388 -18.00 -11.95 -2.87
N ILE A 389 -17.34 -10.95 -3.46
CA ILE A 389 -17.99 -9.67 -3.71
C ILE A 389 -19.13 -9.88 -4.69
N ASP A 390 -20.19 -9.09 -4.53
CA ASP A 390 -21.41 -9.23 -5.33
C ASP A 390 -21.22 -8.51 -6.66
N TYR A 391 -20.62 -9.20 -7.62
CA TYR A 391 -20.34 -8.63 -8.94
C TYR A 391 -20.23 -9.77 -9.94
N PHE A 392 -20.90 -9.63 -11.08
CA PHE A 392 -20.91 -10.68 -12.11
C PHE A 392 -20.13 -10.21 -13.34
N PRO A 393 -18.86 -10.58 -13.48
CA PRO A 393 -18.07 -10.11 -14.62
C PRO A 393 -18.63 -10.59 -15.95
N HIS A 394 -18.24 -9.89 -17.01
CA HIS A 394 -18.75 -10.17 -18.36
C HIS A 394 -17.71 -9.87 -19.43
N SER A 403 -1.83 -1.93 -27.31
CA SER A 403 -2.36 -1.59 -26.00
C SER A 403 -1.32 -1.92 -24.92
N ILE A 404 -1.65 -2.88 -24.07
CA ILE A 404 -0.70 -3.33 -23.07
C ILE A 404 0.52 -3.95 -23.73
N GLN A 405 0.35 -4.49 -24.94
CA GLN A 405 1.46 -5.08 -25.67
C GLN A 405 2.62 -4.09 -25.82
N LYS A 406 2.31 -2.87 -26.32
CA LYS A 406 3.36 -1.88 -26.49
C LYS A 406 4.07 -1.57 -25.17
N HIS A 407 3.31 -1.45 -24.08
CA HIS A 407 3.92 -1.11 -22.80
C HIS A 407 4.91 -2.18 -22.35
N HIS A 408 4.61 -3.45 -22.66
CA HIS A 408 5.53 -4.52 -22.29
C HIS A 408 6.89 -4.33 -22.96
N ARG A 409 6.89 -3.99 -24.25
CA ARG A 409 8.15 -3.74 -24.94
C ARG A 409 8.87 -2.53 -24.35
N ARG A 410 8.12 -1.48 -24.02
CA ARG A 410 8.71 -0.32 -23.36
C ARG A 410 9.34 -0.72 -22.03
N ILE A 411 8.58 -1.42 -21.19
CA ILE A 411 9.07 -1.76 -19.86
C ILE A 411 10.26 -2.71 -19.94
N LEU A 412 10.24 -3.63 -20.91
CA LEU A 412 11.37 -4.54 -21.09
C LEU A 412 12.63 -3.77 -21.47
N GLU A 413 12.51 -2.85 -22.43
CA GLU A 413 13.65 -2.01 -22.79
C GLU A 413 14.18 -1.28 -21.58
N GLN A 414 13.29 -0.74 -20.74
CA GLN A 414 13.74 -0.03 -19.54
C GLN A 414 14.45 -0.97 -18.59
N LEU A 415 13.96 -2.19 -18.42
CA LEU A 415 14.63 -3.15 -17.54
C LEU A 415 16.01 -3.47 -18.06
N ARG A 416 16.17 -3.59 -19.38
CA ARG A 416 17.49 -3.81 -19.94
C ARG A 416 18.38 -2.57 -19.74
N ASN A 417 17.80 -1.39 -19.89
CA ASN A 417 18.56 -0.17 -19.61
C ASN A 417 18.95 -0.09 -18.14
N TYR A 418 18.10 -0.59 -17.24
CA TYR A 418 18.40 -0.54 -15.82
C TYR A 418 19.47 -1.57 -15.44
N ALA A 419 19.32 -2.80 -15.94
CA ALA A 419 20.30 -3.83 -15.65
C ALA A 419 21.69 -3.40 -16.08
N ASP A 420 21.81 -2.88 -17.31
CA ASP A 420 23.11 -2.45 -17.79
C ASP A 420 23.65 -1.29 -16.97
N LEU A 421 22.84 -0.25 -16.77
CA LEU A 421 23.27 0.89 -15.98
C LEU A 421 23.87 0.45 -14.65
N ASN A 422 23.27 -0.57 -14.02
CA ASN A 422 23.82 -1.11 -12.79
C ASN A 422 24.52 -2.44 -13.07
ZN ZN B . -6.07 4.48 -4.42
K K C . -0.80 1.59 -8.04
K K D . 14.23 4.08 -7.73
O1 TLA E . -4.48 5.37 -2.97
O11 TLA E . -4.34 6.04 -0.91
C1 TLA E . -4.97 5.98 -1.99
C2 TLA E . -6.34 6.63 -2.13
O2 TLA E . -7.16 5.80 -2.89
C3 TLA E . -6.16 8.00 -2.79
O3 TLA E . -5.59 7.84 -4.06
C4 TLA E . -7.49 8.73 -2.93
O4 TLA E . -8.29 8.43 -3.85
O41 TLA E . -7.79 9.63 -2.10
C1 4XI F . 10.33 15.68 -5.65
C2 4XI F . 6.98 15.38 -9.65
C3 4XI F . 5.73 15.31 -10.26
C4 4XI F . 5.30 16.35 -11.05
C5 4XI F . 6.09 17.47 -11.22
C6 4XI F . 7.33 17.55 -10.61
C7 4XI F . 10.28 14.77 -10.57
C8 4XI F . 9.31 13.66 -10.91
C10 4XI F . 8.00 11.68 -10.72
C11 4XI F . 7.58 12.06 -12.00
C12 4XI F . 11.11 14.57 -5.30
C13 4XI F . 6.58 11.36 -12.92
C14 4XI F . 7.79 16.75 -7.19
C15 4XI F . 9.77 18.13 -7.05
C16 4XI F . 8.76 19.15 -6.52
C17 4XI F . 7.47 17.25 -5.77
C19 4XI F . 11.52 13.65 -6.28
C21 4XI F . 10.38 14.96 -7.96
C22 4XI F . 9.95 15.87 -7.00
C23 4XI F . 9.12 16.63 -9.16
C25 4XI F . 7.77 16.52 -9.80
C18 4XI F . 7.06 19.32 -5.16
C20 4XI F . 11.15 13.85 -7.61
C24 4XI F . 9.14 16.99 -7.69
C9 4XI F . 8.95 12.56 -10.10
N1 4XI F . 9.87 15.37 -9.31
N2 4XI F . 6.01 10.07 -12.55
N3 4XI F . 7.96 18.58 -5.46
O1 4XI F . 6.27 11.86 -13.95
O2 4XI F . 5.10 9.43 -13.41
S1 4XI F . 8.42 13.48 -12.33
CL1 4XI F . 3.71 16.27 -11.85
C1 PEG G . -4.46 -6.23 21.36
O1 PEG G . -4.85 -7.60 21.49
C2 PEG G . -3.43 -5.85 22.38
O2 PEG G . -3.25 -4.44 22.36
C3 PEG G . -2.10 -4.02 23.07
C4 PEG G . -2.32 -2.65 23.65
O4 PEG G . -2.23 -1.64 22.66
H11 PEG G . -5.23 -5.67 21.48
H12 PEG G . -4.09 -6.10 20.47
HO1 PEG G . -5.67 -7.73 21.32
H21 PEG G . -2.59 -6.29 22.17
H22 PEG G . -3.73 -6.13 23.26
H31 PEG G . -1.33 -4.00 22.47
H32 PEG G . -1.91 -4.65 23.79
H41 PEG G . -1.65 -2.48 24.33
H42 PEG G . -3.20 -2.63 24.05
HO4 PEG G . -2.64 -0.93 22.86
#